data_7B57
#
_entry.id   7B57
#
_cell.length_a   65.918
_cell.length_b   71.849
_cell.length_c   91.602
_cell.angle_alpha   90.000
_cell.angle_beta   90.000
_cell.angle_gamma   90.000
#
_symmetry.space_group_name_H-M   'P 21 21 21'
#
loop_
_entity.id
_entity.type
_entity.pdbx_description
1 polymer 'Calcium/calmodulin-dependent protein kinase type II subunit alpha'
2 polymer Alpha-actinin-2
3 non-polymer 'MAGNESIUM ION'
4 non-polymer '2-(N-MORPHOLINO)-ETHANESULFONIC ACID'
5 non-polymer "ADENOSINE-5'-DIPHOSPHATE"
6 water water
#
loop_
_entity_poly.entity_id
_entity_poly.type
_entity_poly.pdbx_seq_one_letter_code
_entity_poly.pdbx_strand_id
1 'polypeptide(L)'
;SMMATITCTRFTEEYQLFEELGKGAFSVVRRCVKVLAGQEYAAKIINTKKLSARDHQKLEREARICRLLKHPNIVRLHDS
ISEEGHHYLIFDLVTGGELFEDIVAREYYSEADASHCIQQILEAVLHCHQMGVVHRDLKPENLLLASKLKGAAVKLADFG
LAIEVEGEQQAWFGFAGTPGYLSPEVLRKDPYGKPVDLWACGVILYILLVGYPPFWDEDQHRLYQQIKAGAYDFPSPEWD
TVTPEAKDLINKMLTINPSKRITAAEALKHPWISHRSTVASCMHRQETVDCLKKFNARRKLKGAILAAMLATRNFSG
;
B
2 'polypeptide(L)' SNATDTAEQVIASFRILASDKPYILAEELRRELPPDQAQYCIKRMPAYSGPGSVPGALDYAAFSSALYGESDL A
#
# COMPACT_ATOMS: atom_id res chain seq x y z
N THR A 7 -20.34 30.87 3.53
CA THR A 7 -19.52 32.07 3.67
C THR A 7 -18.26 31.73 4.47
N CYS A 8 -18.16 30.46 4.88
CA CYS A 8 -17.03 29.98 5.66
C CYS A 8 -15.89 29.62 4.73
N THR A 9 -14.83 30.42 4.73
CA THR A 9 -13.73 30.23 3.81
C THR A 9 -12.39 30.30 4.53
N ARG A 10 -12.29 29.63 5.69
CA ARG A 10 -11.05 29.71 6.48
C ARG A 10 -9.87 29.07 5.73
N PHE A 11 -10.07 27.97 5.01
CA PHE A 11 -8.92 27.40 4.30
C PHE A 11 -8.47 28.33 3.17
N THR A 12 -9.43 28.79 2.36
CA THR A 12 -9.12 29.75 1.31
C THR A 12 -8.47 31.01 1.89
N GLU A 13 -8.89 31.42 3.08
CA GLU A 13 -8.32 32.63 3.69
C GLU A 13 -6.89 32.41 4.19
N GLU A 14 -6.64 31.29 4.86
CA GLU A 14 -5.43 31.16 5.67
C GLU A 14 -4.42 30.15 5.15
N TYR A 15 -4.76 29.37 4.14
CA TYR A 15 -3.83 28.39 3.60
C TYR A 15 -3.60 28.66 2.12
N GLN A 16 -2.37 28.42 1.66
CA GLN A 16 -2.01 28.48 0.25
C GLN A 16 -1.68 27.07 -0.23
N LEU A 17 -2.24 26.68 -1.37
CA LEU A 17 -2.07 25.35 -1.95
C LEU A 17 -0.90 25.36 -2.92
N PHE A 18 -0.19 24.23 -2.98
CA PHE A 18 0.91 24.08 -3.93
C PHE A 18 0.72 22.80 -4.72
N GLU A 19 1.77 22.01 -4.92
CA GLU A 19 1.70 20.92 -5.89
C GLU A 19 0.95 19.72 -5.31
N GLU A 20 0.40 18.92 -6.22
CA GLU A 20 -0.23 17.67 -5.80
C GLU A 20 0.85 16.72 -5.26
N LEU A 21 0.48 15.95 -4.24
CA LEU A 21 1.38 14.98 -3.63
C LEU A 21 0.90 13.56 -3.80
N GLY A 22 -0.37 13.37 -4.14
CA GLY A 22 -0.94 12.06 -4.28
C GLY A 22 -2.34 12.19 -4.82
N LYS A 23 -2.77 11.23 -5.62
CA LYS A 23 -4.12 11.20 -6.14
C LYS A 23 -4.97 10.26 -5.29
N GLY A 24 -6.29 10.40 -5.47
CA GLY A 24 -7.25 9.53 -4.84
C GLY A 24 -8.45 9.40 -5.74
N ALA A 25 -9.29 8.41 -5.44
CA ALA A 25 -10.46 8.14 -6.27
C ALA A 25 -11.37 9.36 -6.35
N PHE A 26 -11.66 9.98 -5.20
CA PHE A 26 -12.54 11.13 -5.15
C PHE A 26 -11.95 12.26 -4.32
N SER A 27 -10.64 12.28 -4.13
CA SER A 27 -9.98 13.36 -3.41
C SER A 27 -8.57 13.53 -3.98
N VAL A 28 -7.98 14.69 -3.71
CA VAL A 28 -6.59 14.94 -4.03
C VAL A 28 -5.88 15.40 -2.78
N VAL A 29 -4.58 15.12 -2.72
CA VAL A 29 -3.73 15.61 -1.63
C VAL A 29 -2.75 16.59 -2.25
N ARG A 30 -2.75 17.82 -1.74
CA ARG A 30 -1.85 18.85 -2.21
C ARG A 30 -1.09 19.43 -1.02
N ARG A 31 0.18 19.73 -1.22
CA ARG A 31 0.93 20.43 -0.20
C ARG A 31 0.30 21.80 0.01
N CYS A 32 0.29 22.27 1.26
CA CYS A 32 -0.20 23.60 1.55
C CYS A 32 0.66 24.21 2.65
N VAL A 33 0.51 25.52 2.81
CA VAL A 33 1.22 26.29 3.81
C VAL A 33 0.20 27.12 4.56
N LYS A 34 0.20 27.02 5.89
CA LYS A 34 -0.54 27.94 6.74
C LYS A 34 0.19 29.27 6.66
N VAL A 35 -0.37 30.21 5.87
CA VAL A 35 0.41 31.35 5.39
C VAL A 35 0.97 32.18 6.55
N LEU A 36 0.14 32.41 7.58
CA LEU A 36 0.60 33.23 8.71
C LEU A 36 1.80 32.60 9.40
N ALA A 37 1.73 31.29 9.67
CA ALA A 37 2.82 30.61 10.35
C ALA A 37 3.97 30.24 9.40
N GLY A 38 3.71 30.14 8.11
CA GLY A 38 4.71 29.61 7.20
C GLY A 38 4.98 28.13 7.34
N GLN A 39 4.11 27.39 8.01
CA GLN A 39 4.32 25.96 8.22
C GLN A 39 3.61 25.14 7.15
N GLU A 40 4.31 24.13 6.63
CA GLU A 40 3.80 23.24 5.59
C GLU A 40 2.93 22.14 6.18
N TYR A 41 1.89 21.78 5.45
CA TYR A 41 1.00 20.68 5.79
C TYR A 41 0.63 19.95 4.50
N ALA A 42 -0.08 18.84 4.64
CA ALA A 42 -0.72 18.16 3.52
C ALA A 42 -2.23 18.35 3.61
N ALA A 43 -2.83 18.86 2.54
CA ALA A 43 -4.27 19.09 2.48
C ALA A 43 -4.92 18.00 1.63
N LYS A 44 -5.72 17.15 2.25
CA LYS A 44 -6.58 16.20 1.54
C LYS A 44 -7.92 16.86 1.25
N ILE A 45 -8.20 17.09 -0.03
CA ILE A 45 -9.33 17.92 -0.45
C ILE A 45 -10.37 17.07 -1.15
N ILE A 46 -11.62 17.21 -0.73
CA ILE A 46 -12.76 16.53 -1.35
C ILE A 46 -13.70 17.60 -1.91
N ASN A 47 -13.98 17.52 -3.21
CA ASN A 47 -15.06 18.32 -3.80
C ASN A 47 -16.38 17.70 -3.38
N THR A 48 -17.15 18.44 -2.60
CA THR A 48 -18.38 17.94 -2.00
C THR A 48 -19.62 18.38 -2.78
N LYS A 49 -19.45 19.10 -3.89
CA LYS A 49 -20.56 19.80 -4.52
C LYS A 49 -21.66 18.83 -4.96
N LYS A 50 -21.27 17.71 -5.58
CA LYS A 50 -22.24 16.73 -6.07
C LYS A 50 -21.95 15.34 -5.52
N LEU A 51 -21.61 15.26 -4.23
CA LEU A 51 -21.47 13.98 -3.55
C LEU A 51 -22.84 13.42 -3.15
N SER A 52 -22.96 12.10 -3.18
CA SER A 52 -24.15 11.45 -2.68
C SER A 52 -24.21 11.55 -1.16
N ALA A 53 -25.39 11.29 -0.60
CA ALA A 53 -25.54 11.31 0.85
C ALA A 53 -24.64 10.24 1.50
N ARG A 54 -24.53 9.07 0.87
CA ARG A 54 -23.65 8.03 1.41
C ARG A 54 -22.21 8.48 1.41
N ASP A 55 -21.74 9.08 0.30
CA ASP A 55 -20.37 9.57 0.26
C ASP A 55 -20.14 10.74 1.24
N HIS A 56 -21.17 11.56 1.50
CA HIS A 56 -21.05 12.55 2.57
C HIS A 56 -20.79 11.85 3.90
N GLN A 57 -21.58 10.81 4.19
CA GLN A 57 -21.42 10.06 5.42
C GLN A 57 -20.01 9.49 5.53
N LYS A 58 -19.51 8.87 4.45
CA LYS A 58 -18.17 8.29 4.47
C LYS A 58 -17.09 9.36 4.65
N LEU A 59 -17.26 10.50 3.99
CA LEU A 59 -16.33 11.61 4.18
C LEU A 59 -16.30 12.05 5.64
N GLU A 60 -17.49 12.21 6.22
CA GLU A 60 -17.59 12.64 7.62
C GLU A 60 -16.99 11.60 8.55
N ARG A 61 -17.26 10.32 8.27
CA ARG A 61 -16.65 9.22 9.02
C ARG A 61 -15.12 9.32 9.00
N GLU A 62 -14.53 9.47 7.81
CA GLU A 62 -13.08 9.55 7.75
C GLU A 62 -12.57 10.72 8.58
N ALA A 63 -13.30 11.84 8.56
CA ALA A 63 -12.87 13.01 9.32
C ALA A 63 -12.88 12.73 10.82
N ARG A 64 -13.94 12.09 11.32
CA ARG A 64 -13.99 11.74 12.74
C ARG A 64 -12.84 10.82 13.13
N ILE A 65 -12.62 9.77 12.34
CA ILE A 65 -11.59 8.80 12.69
C ILE A 65 -10.21 9.45 12.69
N CYS A 66 -9.93 10.28 11.69
CA CYS A 66 -8.63 10.94 11.63
C CYS A 66 -8.40 11.82 12.84
N ARG A 67 -9.40 12.62 13.20
CA ARG A 67 -9.32 13.42 14.42
C ARG A 67 -9.01 12.54 15.62
N LEU A 68 -9.57 11.34 15.66
CA LEU A 68 -9.50 10.50 16.85
C LEU A 68 -8.12 9.86 17.04
N LEU A 69 -7.34 9.69 15.96
CA LEU A 69 -6.14 8.86 16.00
C LEU A 69 -4.88 9.73 16.16
N LYS A 70 -4.23 9.60 17.31
CA LYS A 70 -2.99 10.31 17.61
C LYS A 70 -1.95 9.28 18.03
N HIS A 71 -0.94 9.06 17.19
CA HIS A 71 0.04 8.01 17.40
C HIS A 71 1.28 8.32 16.58
N PRO A 72 2.47 7.98 17.07
CA PRO A 72 3.69 8.24 16.30
C PRO A 72 3.72 7.61 14.91
N ASN A 73 3.01 6.50 14.69
CA ASN A 73 3.04 5.83 13.39
C ASN A 73 1.72 5.96 12.65
N ILE A 74 0.95 7.02 12.90
CA ILE A 74 -0.26 7.31 12.15
C ILE A 74 -0.20 8.75 11.69
N VAL A 75 -0.62 9.01 10.45
CA VAL A 75 -0.69 10.40 9.97
C VAL A 75 -1.49 11.23 10.97
N ARG A 76 -1.00 12.42 11.25
CA ARG A 76 -1.55 13.27 12.30
C ARG A 76 -2.41 14.38 11.71
N LEU A 77 -3.69 14.39 12.04
CA LEU A 77 -4.55 15.45 11.59
C LEU A 77 -4.21 16.76 12.29
N HIS A 78 -3.92 17.82 11.53
CA HIS A 78 -3.64 19.11 12.12
C HIS A 78 -4.88 19.98 12.23
N ASP A 79 -5.74 19.94 11.21
CA ASP A 79 -6.85 20.86 11.09
C ASP A 79 -7.88 20.22 10.18
N SER A 80 -9.11 20.73 10.26
CA SER A 80 -10.21 20.23 9.44
C SER A 80 -11.13 21.40 9.17
N ILE A 81 -11.40 21.66 7.88
CA ILE A 81 -12.11 22.87 7.45
C ILE A 81 -13.15 22.50 6.41
N SER A 82 -14.39 22.92 6.64
CA SER A 82 -15.53 22.69 5.76
C SER A 82 -15.88 24.00 5.08
N GLU A 83 -15.82 24.02 3.75
CA GLU A 83 -16.27 25.15 2.97
C GLU A 83 -17.41 24.72 2.07
N GLU A 84 -17.96 25.66 1.31
CA GLU A 84 -19.20 25.46 0.55
C GLU A 84 -19.17 24.15 -0.25
N GLY A 85 -18.20 24.02 -1.15
CA GLY A 85 -18.15 22.84 -2.00
C GLY A 85 -16.86 22.05 -1.85
N HIS A 86 -16.15 22.25 -0.74
CA HIS A 86 -14.91 21.51 -0.52
C HIS A 86 -14.74 21.24 0.96
N HIS A 87 -14.26 20.04 1.26
CA HIS A 87 -13.80 19.68 2.59
C HIS A 87 -12.30 19.48 2.56
N TYR A 88 -11.62 19.97 3.61
CA TYR A 88 -10.17 19.91 3.74
C TYR A 88 -9.84 19.18 5.03
N LEU A 89 -9.11 18.06 4.92
CA LEU A 89 -8.41 17.46 6.05
C LEU A 89 -6.95 17.85 5.94
N ILE A 90 -6.44 18.50 6.98
CA ILE A 90 -5.09 19.06 6.97
C ILE A 90 -4.22 18.22 7.89
N PHE A 91 -3.25 17.51 7.30
CA PHE A 91 -2.36 16.58 7.99
C PHE A 91 -0.97 17.18 8.14
N ASP A 92 -0.29 16.77 9.20
CA ASP A 92 1.15 16.98 9.25
C ASP A 92 1.77 16.37 8.01
N LEU A 93 2.67 17.12 7.37
CA LEU A 93 3.23 16.68 6.11
C LEU A 93 4.24 15.58 6.39
N VAL A 94 4.14 14.47 5.65
CA VAL A 94 5.15 13.41 5.70
C VAL A 94 5.84 13.40 4.35
N THR A 95 7.18 13.38 4.38
CA THR A 95 7.95 13.63 3.15
C THR A 95 8.84 12.46 2.75
N GLY A 96 8.70 11.29 3.41
CA GLY A 96 9.54 10.15 3.11
C GLY A 96 9.01 9.24 2.02
N GLY A 97 7.80 9.49 1.52
CA GLY A 97 7.23 8.72 0.43
C GLY A 97 6.79 7.34 0.90
N GLU A 98 6.57 6.47 -0.08
CA GLU A 98 6.12 5.12 0.24
C GLU A 98 7.26 4.28 0.80
N LEU A 99 6.96 3.52 1.85
CA LEU A 99 7.93 2.64 2.47
C LEU A 99 8.52 1.68 1.44
N PHE A 100 7.68 1.14 0.55
CA PHE A 100 8.16 0.15 -0.41
C PHE A 100 9.14 0.76 -1.42
N GLU A 101 8.90 2.02 -1.84
CA GLU A 101 9.84 2.71 -2.71
C GLU A 101 11.15 3.02 -1.99
N ASP A 102 11.09 3.29 -0.68
CA ASP A 102 12.30 3.60 0.06
C ASP A 102 13.16 2.37 0.29
N ILE A 103 12.52 1.22 0.55
CA ILE A 103 13.27 -0.02 0.65
C ILE A 103 14.09 -0.26 -0.61
N VAL A 104 13.48 -0.03 -1.77
CA VAL A 104 14.19 -0.26 -3.03
C VAL A 104 15.29 0.77 -3.20
N ALA A 105 14.99 2.03 -2.90
CA ALA A 105 15.95 3.10 -3.12
C ALA A 105 17.19 2.95 -2.24
N ARG A 106 17.04 2.42 -1.02
CA ARG A 106 18.18 2.27 -0.14
C ARG A 106 18.87 0.91 -0.31
N GLU A 107 18.33 0.04 -1.17
CA GLU A 107 19.06 -1.08 -1.76
C GLU A 107 19.21 -2.31 -0.88
N TYR A 108 19.45 -2.12 0.42
CA TYR A 108 19.79 -3.23 1.30
C TYR A 108 18.68 -3.44 2.32
N TYR A 109 18.31 -4.71 2.53
CA TYR A 109 17.16 -5.02 3.37
C TYR A 109 17.31 -6.42 3.92
N SER A 110 17.09 -6.55 5.22
CA SER A 110 17.17 -7.82 5.93
C SER A 110 15.91 -8.03 6.74
N GLU A 111 15.79 -9.24 7.31
CA GLU A 111 14.71 -9.52 8.24
C GLU A 111 14.67 -8.51 9.39
N ALA A 112 15.85 -8.14 9.92
CA ALA A 112 15.91 -7.17 11.00
C ALA A 112 15.27 -5.86 10.58
N ASP A 113 15.48 -5.43 9.33
CA ASP A 113 14.81 -4.23 8.83
C ASP A 113 13.31 -4.44 8.71
N ALA A 114 12.90 -5.60 8.16
CA ALA A 114 11.48 -5.89 8.01
C ALA A 114 10.79 -5.95 9.37
N SER A 115 11.46 -6.57 10.35
CA SER A 115 10.90 -6.67 11.69
C SER A 115 10.70 -5.29 12.32
N HIS A 116 11.68 -4.41 12.18
CA HIS A 116 11.53 -3.05 12.69
C HIS A 116 10.40 -2.32 11.98
N CYS A 117 10.25 -2.55 10.67
N CYS A 117 10.23 -2.57 10.69
CA CYS A 117 9.16 -1.93 9.92
CA CYS A 117 9.17 -1.91 9.95
C CYS A 117 7.81 -2.42 10.41
C CYS A 117 7.80 -2.41 10.38
N ILE A 118 7.64 -3.74 10.47
CA ILE A 118 6.34 -4.30 10.80
C ILE A 118 5.98 -4.06 12.27
N GLN A 119 6.98 -3.97 13.15
CA GLN A 119 6.67 -3.59 14.53
C GLN A 119 5.98 -2.23 14.58
N GLN A 120 6.47 -1.27 13.78
CA GLN A 120 5.87 0.05 13.72
C GLN A 120 4.43 -0.02 13.19
N ILE A 121 4.25 -0.74 12.08
CA ILE A 121 2.91 -0.97 11.52
C ILE A 121 1.98 -1.58 12.58
N LEU A 122 2.49 -2.58 13.30
CA LEU A 122 1.69 -3.23 14.33
C LEU A 122 1.36 -2.28 15.47
N GLU A 123 2.25 -1.35 15.77
CA GLU A 123 1.96 -0.37 16.81
C GLU A 123 0.86 0.60 16.35
N ALA A 124 0.90 1.03 15.09
CA ALA A 124 -0.18 1.83 14.53
C ALA A 124 -1.51 1.08 14.61
N VAL A 125 -1.52 -0.16 14.14
CA VAL A 125 -2.75 -0.95 14.08
C VAL A 125 -3.28 -1.23 15.48
N LEU A 126 -2.40 -1.65 16.40
CA LEU A 126 -2.84 -1.82 17.79
C LEU A 126 -3.51 -0.55 18.30
N HIS A 127 -2.97 0.62 17.96
CA HIS A 127 -3.59 1.86 18.45
C HIS A 127 -4.98 2.04 17.84
N CYS A 128 -5.13 1.72 16.54
CA CYS A 128 -6.45 1.85 15.91
C CYS A 128 -7.47 0.98 16.63
N HIS A 129 -7.09 -0.26 16.89
CA HIS A 129 -8.00 -1.22 17.51
C HIS A 129 -8.31 -0.83 18.95
N GLN A 130 -7.32 -0.33 19.69
CA GLN A 130 -7.58 0.18 21.05
C GLN A 130 -8.57 1.34 21.05
N MET A 131 -8.66 2.09 19.95
CA MET A 131 -9.62 3.18 19.79
C MET A 131 -10.92 2.75 19.12
N GLY A 132 -11.12 1.45 18.92
CA GLY A 132 -12.30 0.95 18.24
C GLY A 132 -12.36 1.24 16.76
N VAL A 133 -11.20 1.29 16.09
CA VAL A 133 -11.11 1.58 14.66
C VAL A 133 -10.44 0.39 13.97
N VAL A 134 -11.05 -0.09 12.89
CA VAL A 134 -10.48 -1.10 12.00
C VAL A 134 -10.13 -0.39 10.71
N HIS A 135 -8.86 -0.48 10.30
CA HIS A 135 -8.39 0.25 9.12
C HIS A 135 -9.03 -0.28 7.84
N ARG A 136 -9.01 -1.60 7.65
CA ARG A 136 -9.56 -2.32 6.49
C ARG A 136 -8.84 -2.02 5.16
N ASP A 137 -7.79 -1.20 5.14
CA ASP A 137 -7.10 -0.92 3.87
C ASP A 137 -5.59 -0.91 4.07
N LEU A 138 -5.09 -1.80 4.91
CA LEU A 138 -3.65 -1.93 5.09
C LEU A 138 -3.05 -2.51 3.81
N LYS A 139 -2.21 -1.72 3.14
CA LYS A 139 -1.55 -2.14 1.92
C LYS A 139 -0.39 -1.18 1.68
N PRO A 140 0.51 -1.52 0.73
CA PRO A 140 1.74 -0.73 0.57
C PRO A 140 1.53 0.75 0.29
N GLU A 141 0.49 1.12 -0.48
CA GLU A 141 0.28 2.53 -0.79
C GLU A 141 -0.07 3.36 0.44
N ASN A 142 -0.46 2.72 1.53
CA ASN A 142 -0.83 3.43 2.74
C ASN A 142 0.23 3.36 3.84
N LEU A 143 1.43 2.92 3.50
CA LEU A 143 2.56 2.86 4.43
C LEU A 143 3.57 3.92 3.98
N LEU A 144 3.57 5.07 4.65
CA LEU A 144 4.47 6.15 4.27
C LEU A 144 5.62 6.21 5.26
N LEU A 145 6.60 7.07 4.94
CA LEU A 145 7.71 7.33 5.84
C LEU A 145 7.70 8.81 6.21
N ALA A 146 8.00 9.10 7.48
CA ALA A 146 7.84 10.45 8.02
C ALA A 146 8.66 11.48 7.25
N SER A 147 9.84 11.09 6.77
CA SER A 147 10.73 12.01 6.11
C SER A 147 11.77 11.17 5.39
N LYS A 148 12.64 11.84 4.63
CA LYS A 148 13.74 11.18 3.94
C LYS A 148 14.93 10.89 4.86
N LEU A 149 14.79 11.09 6.16
CA LEU A 149 15.87 10.78 7.08
C LEU A 149 16.03 9.28 7.22
N LYS A 150 17.27 8.81 7.18
CA LYS A 150 17.50 7.37 7.32
C LYS A 150 16.99 6.92 8.69
N GLY A 151 16.14 5.89 8.68
CA GLY A 151 15.51 5.43 9.89
C GLY A 151 14.26 6.20 10.28
N ALA A 152 13.70 6.99 9.37
CA ALA A 152 12.46 7.71 9.66
C ALA A 152 11.32 6.73 9.93
N ALA A 153 10.35 7.19 10.71
CA ALA A 153 9.27 6.34 11.17
C ALA A 153 8.27 6.06 10.07
N VAL A 154 7.71 4.85 10.12
CA VAL A 154 6.59 4.48 9.27
C VAL A 154 5.34 5.23 9.74
N LYS A 155 4.54 5.70 8.78
CA LYS A 155 3.30 6.41 9.07
C LYS A 155 2.16 5.73 8.33
N LEU A 156 1.21 5.18 9.07
CA LEU A 156 0.00 4.64 8.49
C LEU A 156 -0.92 5.77 8.03
N ALA A 157 -1.38 5.67 6.77
CA ALA A 157 -2.17 6.72 6.13
C ALA A 157 -3.47 6.12 5.57
N ASP A 158 -4.30 7.02 5.03
CA ASP A 158 -5.54 6.73 4.31
C ASP A 158 -6.55 5.95 5.13
N PHE A 159 -7.37 6.66 5.90
CA PHE A 159 -8.47 6.08 6.64
C PHE A 159 -9.78 6.14 5.87
N GLY A 160 -9.71 6.20 4.52
CA GLY A 160 -10.92 6.31 3.73
C GLY A 160 -11.86 5.13 3.86
N LEU A 161 -11.33 3.95 4.13
CA LEU A 161 -12.13 2.73 4.30
C LEU A 161 -12.31 2.34 5.77
N ALA A 162 -11.77 3.12 6.70
CA ALA A 162 -11.78 2.69 8.09
C ALA A 162 -13.19 2.72 8.65
N ILE A 163 -13.44 1.82 9.59
CA ILE A 163 -14.75 1.69 10.25
C ILE A 163 -14.55 1.73 11.75
N GLU A 164 -15.65 2.05 12.43
CA GLU A 164 -15.70 2.04 13.89
C GLU A 164 -16.37 0.76 14.36
N VAL A 165 -15.72 0.08 15.32
CA VAL A 165 -16.29 -1.10 15.94
C VAL A 165 -16.49 -0.83 17.42
N GLU A 166 -17.28 -1.68 18.07
CA GLU A 166 -17.62 -1.53 19.48
C GLU A 166 -17.02 -2.70 20.26
N GLY A 167 -15.89 -2.45 20.93
CA GLY A 167 -15.25 -3.55 21.64
C GLY A 167 -14.82 -4.61 20.66
N GLU A 168 -15.11 -5.87 20.98
CA GLU A 168 -14.71 -6.98 20.13
C GLU A 168 -15.86 -7.54 19.30
N GLN A 169 -16.98 -6.82 19.20
CA GLN A 169 -18.10 -7.36 18.43
C GLN A 169 -17.78 -7.38 16.95
N GLN A 170 -18.26 -8.43 16.28
CA GLN A 170 -18.08 -8.62 14.86
C GLN A 170 -19.39 -8.37 14.15
N ALA A 171 -19.30 -7.85 12.93
CA ALA A 171 -20.48 -7.65 12.11
C ALA A 171 -20.05 -7.61 10.65
N TRP A 172 -21.03 -7.79 9.77
CA TRP A 172 -20.78 -7.63 8.35
C TRP A 172 -20.69 -6.13 8.07
N PHE A 173 -19.48 -5.61 7.98
CA PHE A 173 -19.25 -4.21 7.70
C PHE A 173 -19.05 -3.95 6.21
N GLY A 174 -19.26 -4.94 5.37
CA GLY A 174 -19.31 -4.73 3.94
C GLY A 174 -18.06 -5.23 3.24
N PHE A 175 -18.16 -5.21 1.91
CA PHE A 175 -17.06 -5.59 1.03
C PHE A 175 -16.25 -4.34 0.75
N ALA A 176 -15.02 -4.28 1.27
CA ALA A 176 -14.13 -3.17 1.02
C ALA A 176 -12.69 -3.64 1.17
N GLY A 177 -11.81 -3.12 0.33
CA GLY A 177 -10.39 -3.40 0.39
C GLY A 177 -9.83 -3.78 -0.97
N THR A 178 -8.52 -4.00 -0.98
CA THR A 178 -7.83 -4.41 -2.21
C THR A 178 -7.80 -5.92 -2.26
N PRO A 179 -8.17 -6.54 -3.39
CA PRO A 179 -8.33 -8.00 -3.40
C PRO A 179 -7.18 -8.78 -2.78
N GLY A 180 -5.93 -8.46 -3.13
CA GLY A 180 -4.79 -9.25 -2.67
C GLY A 180 -4.59 -9.24 -1.16
N TYR A 181 -5.22 -8.31 -0.46
CA TYR A 181 -5.06 -8.15 0.98
C TYR A 181 -6.29 -8.59 1.74
N LEU A 182 -7.37 -8.97 1.03
CA LEU A 182 -8.62 -9.29 1.69
C LEU A 182 -8.49 -10.56 2.52
N SER A 183 -9.19 -10.59 3.67
CA SER A 183 -9.17 -11.74 4.56
C SER A 183 -10.17 -12.81 4.12
N PRO A 184 -9.94 -14.06 4.50
CA PRO A 184 -10.94 -15.11 4.17
C PRO A 184 -12.33 -14.79 4.70
N GLU A 185 -12.46 -14.23 5.90
CA GLU A 185 -13.79 -14.00 6.47
C GLU A 185 -14.56 -12.97 5.65
N VAL A 186 -13.88 -11.91 5.18
CA VAL A 186 -14.55 -10.96 4.30
C VAL A 186 -14.97 -11.64 3.00
N LEU A 187 -14.06 -12.44 2.41
CA LEU A 187 -14.39 -13.12 1.16
C LEU A 187 -15.53 -14.12 1.34
N ARG A 188 -15.67 -14.69 2.54
CA ARG A 188 -16.78 -15.59 2.83
C ARG A 188 -18.06 -14.83 3.21
N LYS A 189 -17.99 -13.50 3.29
CA LYS A 189 -19.10 -12.68 3.77
C LYS A 189 -19.50 -13.06 5.20
N ASP A 190 -18.53 -13.48 6.01
CA ASP A 190 -18.75 -13.66 7.43
C ASP A 190 -18.72 -12.31 8.15
N PRO A 191 -19.35 -12.23 9.33
CA PRO A 191 -19.13 -11.06 10.18
C PRO A 191 -17.66 -10.97 10.56
N TYR A 192 -17.10 -9.76 10.54
CA TYR A 192 -15.67 -9.60 10.77
C TYR A 192 -15.42 -8.39 11.65
N GLY A 193 -14.15 -8.20 11.98
CA GLY A 193 -13.72 -7.06 12.77
C GLY A 193 -12.22 -6.85 12.71
N LYS A 194 -11.62 -6.58 13.85
CA LYS A 194 -10.18 -6.25 13.91
C LYS A 194 -9.26 -7.26 13.25
N PRO A 195 -9.49 -8.58 13.35
CA PRO A 195 -8.54 -9.53 12.75
C PRO A 195 -8.30 -9.34 11.26
N VAL A 196 -9.20 -8.67 10.52
CA VAL A 196 -8.94 -8.45 9.10
C VAL A 196 -7.68 -7.62 8.90
N ASP A 197 -7.36 -6.73 9.86
CA ASP A 197 -6.14 -5.94 9.75
C ASP A 197 -4.90 -6.80 9.90
N LEU A 198 -4.97 -7.82 10.77
CA LEU A 198 -3.79 -8.65 10.97
C LEU A 198 -3.56 -9.62 9.81
N TRP A 199 -4.61 -10.05 9.13
CA TRP A 199 -4.41 -10.78 7.87
C TRP A 199 -3.64 -9.92 6.88
N ALA A 200 -4.07 -8.67 6.72
CA ALA A 200 -3.37 -7.78 5.79
C ALA A 200 -1.93 -7.53 6.21
N CYS A 201 -1.67 -7.45 7.53
CA CYS A 201 -0.30 -7.34 8.01
C CYS A 201 0.54 -8.57 7.63
N GLY A 202 -0.06 -9.76 7.69
CA GLY A 202 0.67 -10.96 7.26
C GLY A 202 1.03 -10.92 5.78
N VAL A 203 0.14 -10.36 4.97
CA VAL A 203 0.41 -10.25 3.53
C VAL A 203 1.56 -9.28 3.30
N ILE A 204 1.50 -8.13 3.98
CA ILE A 204 2.55 -7.13 3.85
C ILE A 204 3.89 -7.70 4.32
N LEU A 205 3.89 -8.39 5.47
CA LEU A 205 5.11 -8.95 6.01
C LEU A 205 5.70 -10.02 5.09
N TYR A 206 4.84 -10.88 4.56
CA TYR A 206 5.30 -11.81 3.51
C TYR A 206 6.03 -11.06 2.41
N ILE A 207 5.46 -9.95 1.93
CA ILE A 207 6.07 -9.19 0.86
C ILE A 207 7.37 -8.53 1.32
N LEU A 208 7.41 -8.07 2.57
CA LEU A 208 8.65 -7.47 3.08
C LEU A 208 9.80 -8.49 3.08
N LEU A 209 9.49 -9.77 3.20
CA LEU A 209 10.55 -10.77 3.31
C LEU A 209 11.05 -11.27 1.97
N VAL A 210 10.19 -11.37 0.95
CA VAL A 210 10.64 -11.96 -0.32
C VAL A 210 10.30 -11.12 -1.54
N GLY A 211 9.51 -10.05 -1.35
CA GLY A 211 9.29 -9.09 -2.41
C GLY A 211 8.17 -9.42 -3.38
N TYR A 212 7.39 -10.47 -3.13
CA TYR A 212 6.25 -10.78 -3.98
C TYR A 212 5.12 -11.22 -3.08
N PRO A 213 3.87 -11.12 -3.55
CA PRO A 213 2.72 -11.35 -2.67
C PRO A 213 2.47 -12.83 -2.43
N PRO A 214 1.91 -13.18 -1.27
CA PRO A 214 1.62 -14.59 -1.01
C PRO A 214 0.48 -15.14 -1.85
N PHE A 215 -0.47 -14.31 -2.24
CA PHE A 215 -1.60 -14.72 -3.07
C PHE A 215 -1.61 -13.86 -4.32
N TRP A 216 -1.71 -14.50 -5.47
CA TRP A 216 -1.55 -13.83 -6.75
C TRP A 216 -2.15 -14.71 -7.82
N ASP A 217 -3.13 -14.19 -8.56
CA ASP A 217 -3.70 -14.87 -9.71
C ASP A 217 -4.51 -13.85 -10.52
N GLU A 218 -4.32 -13.85 -11.83
CA GLU A 218 -5.06 -12.92 -12.67
C GLU A 218 -6.55 -13.20 -12.65
N ASP A 219 -6.95 -14.46 -12.46
CA ASP A 219 -8.36 -14.79 -12.26
C ASP A 219 -8.72 -14.44 -10.81
N GLN A 220 -9.51 -13.38 -10.63
CA GLN A 220 -9.80 -12.93 -9.27
C GLN A 220 -10.66 -13.94 -8.51
N HIS A 221 -11.48 -14.70 -9.22
CA HIS A 221 -12.24 -15.77 -8.58
C HIS A 221 -11.31 -16.83 -8.00
N ARG A 222 -10.26 -17.19 -8.74
CA ARG A 222 -9.29 -18.15 -8.22
C ARG A 222 -8.46 -17.53 -7.08
N LEU A 223 -8.08 -16.26 -7.23
CA LEU A 223 -7.39 -15.55 -6.15
C LEU A 223 -8.15 -15.67 -4.83
N TYR A 224 -9.45 -15.43 -4.88
CA TYR A 224 -10.27 -15.50 -3.68
C TYR A 224 -10.41 -16.92 -3.17
N GLN A 225 -10.45 -17.92 -4.05
CA GLN A 225 -10.39 -19.29 -3.59
C GLN A 225 -9.10 -19.54 -2.83
N GLN A 226 -7.98 -19.07 -3.37
CA GLN A 226 -6.68 -19.35 -2.75
C GLN A 226 -6.57 -18.69 -1.39
N ILE A 227 -6.99 -17.43 -1.27
CA ILE A 227 -7.00 -16.74 0.02
C ILE A 227 -7.87 -17.51 1.00
N LYS A 228 -9.09 -17.86 0.59
CA LYS A 228 -10.01 -18.53 1.51
C LYS A 228 -9.49 -19.90 1.92
N ALA A 229 -8.66 -20.53 1.10
CA ALA A 229 -8.01 -21.77 1.47
C ALA A 229 -6.70 -21.54 2.21
N GLY A 230 -6.31 -20.29 2.43
CA GLY A 230 -4.98 -20.02 2.98
C GLY A 230 -3.88 -20.75 2.21
N ALA A 231 -3.99 -20.82 0.89
CA ALA A 231 -3.01 -21.52 0.05
C ALA A 231 -1.89 -20.56 -0.35
N TYR A 232 -0.94 -20.40 0.57
CA TYR A 232 0.32 -19.72 0.31
C TYR A 232 1.43 -20.72 0.61
N ASP A 233 2.65 -20.40 0.20
CA ASP A 233 3.77 -21.30 0.39
C ASP A 233 5.04 -20.51 0.68
N PHE A 234 6.04 -21.20 1.25
CA PHE A 234 7.37 -20.63 1.40
C PHE A 234 8.34 -21.39 0.49
N PRO A 235 8.29 -21.19 -0.83
CA PRO A 235 9.10 -22.04 -1.73
C PRO A 235 10.58 -21.76 -1.61
N SER A 236 11.37 -22.80 -1.94
CA SER A 236 12.79 -22.62 -2.11
C SER A 236 13.05 -21.94 -3.45
N PRO A 237 14.19 -21.28 -3.61
CA PRO A 237 15.27 -21.13 -2.63
C PRO A 237 15.07 -19.95 -1.66
N GLU A 238 14.26 -18.95 -2.03
CA GLU A 238 14.26 -17.70 -1.26
C GLU A 238 13.89 -17.92 0.20
N TRP A 239 12.96 -18.83 0.49
CA TRP A 239 12.55 -18.98 1.88
C TRP A 239 13.47 -19.87 2.69
N ASP A 240 14.48 -20.49 2.07
CA ASP A 240 15.35 -21.39 2.81
C ASP A 240 16.19 -20.62 3.81
N THR A 241 16.44 -19.34 3.56
CA THR A 241 17.27 -18.49 4.39
C THR A 241 16.46 -17.61 5.33
N VAL A 242 15.13 -17.75 5.36
CA VAL A 242 14.29 -16.99 6.27
C VAL A 242 14.17 -17.76 7.58
N THR A 243 14.39 -17.07 8.70
CA THR A 243 14.39 -17.75 9.98
C THR A 243 13.07 -18.48 10.20
N PRO A 244 13.06 -19.56 10.98
CA PRO A 244 11.77 -20.19 11.34
C PRO A 244 10.82 -19.21 12.04
N GLU A 245 11.36 -18.31 12.85
CA GLU A 245 10.52 -17.41 13.63
C GLU A 245 9.78 -16.40 12.76
N ALA A 246 10.43 -15.87 11.72
CA ALA A 246 9.72 -15.03 10.77
C ALA A 246 8.62 -15.81 10.05
N LYS A 247 8.89 -17.06 9.66
CA LYS A 247 7.83 -17.85 9.02
C LYS A 247 6.70 -18.11 10.00
N ASP A 248 7.04 -18.38 11.25
CA ASP A 248 6.04 -18.65 12.27
C ASP A 248 5.11 -17.44 12.48
N LEU A 249 5.68 -16.23 12.51
CA LEU A 249 4.84 -15.04 12.67
C LEU A 249 3.90 -14.88 11.48
N ILE A 250 4.39 -15.13 10.25
CA ILE A 250 3.52 -15.06 9.08
C ILE A 250 2.39 -16.06 9.19
N ASN A 251 2.71 -17.31 9.56
CA ASN A 251 1.68 -18.33 9.73
C ASN A 251 0.60 -17.86 10.70
N LYS A 252 1.00 -17.20 11.78
CA LYS A 252 0.01 -16.81 12.78
C LYS A 252 -0.84 -15.63 12.32
N MET A 253 -0.30 -14.78 11.43
CA MET A 253 -1.10 -13.72 10.83
C MET A 253 -1.97 -14.25 9.69
N LEU A 254 -1.44 -15.17 8.89
CA LEU A 254 -2.18 -15.75 7.79
C LEU A 254 -2.93 -17.00 8.23
N THR A 255 -3.63 -16.89 9.35
CA THR A 255 -4.44 -17.98 9.90
C THR A 255 -5.88 -17.73 9.47
N ILE A 256 -6.50 -18.75 8.86
CA ILE A 256 -7.81 -18.58 8.24
C ILE A 256 -8.86 -18.24 9.28
N ASN A 257 -8.87 -18.99 10.38
CA ASN A 257 -9.85 -18.77 11.43
C ASN A 257 -9.52 -17.46 12.13
N PRO A 258 -10.34 -16.41 11.99
CA PRO A 258 -9.98 -15.12 12.62
C PRO A 258 -9.90 -15.18 14.13
N SER A 259 -10.64 -16.08 14.77
CA SER A 259 -10.58 -16.16 16.22
C SER A 259 -9.24 -16.72 16.70
N LYS A 260 -8.54 -17.46 15.86
CA LYS A 260 -7.23 -18.00 16.21
C LYS A 260 -6.07 -17.20 15.64
N ARG A 261 -6.35 -16.34 14.65
CA ARG A 261 -5.33 -15.43 14.14
C ARG A 261 -4.70 -14.61 15.26
N ILE A 262 -3.40 -14.34 15.13
CA ILE A 262 -2.70 -13.58 16.15
C ILE A 262 -3.21 -12.14 16.14
N THR A 263 -3.25 -11.53 17.32
CA THR A 263 -3.67 -10.14 17.41
C THR A 263 -2.46 -9.23 17.29
N ALA A 264 -2.72 -7.92 17.16
CA ALA A 264 -1.61 -6.97 17.12
C ALA A 264 -0.82 -7.00 18.43
N ALA A 265 -1.50 -7.05 19.58
CA ALA A 265 -0.77 -7.08 20.85
C ALA A 265 0.07 -8.35 20.98
N GLU A 266 -0.48 -9.48 20.58
CA GLU A 266 0.30 -10.72 20.65
C GLU A 266 1.47 -10.68 19.68
N ALA A 267 1.23 -10.15 18.47
CA ALA A 267 2.30 -10.09 17.47
C ALA A 267 3.45 -9.21 17.93
N LEU A 268 3.16 -8.15 18.70
CA LEU A 268 4.21 -7.30 19.24
C LEU A 268 5.03 -8.01 20.31
N LYS A 269 4.49 -9.07 20.91
CA LYS A 269 5.27 -9.92 21.81
C LYS A 269 5.91 -11.10 21.10
N HIS A 270 5.66 -11.26 19.80
CA HIS A 270 6.30 -12.35 19.09
C HIS A 270 7.81 -12.15 19.08
N PRO A 271 8.59 -13.21 19.34
CA PRO A 271 10.05 -13.03 19.49
C PRO A 271 10.72 -12.45 18.26
N TRP A 272 10.26 -12.78 17.06
CA TRP A 272 10.85 -12.17 15.87
C TRP A 272 10.73 -10.65 15.92
N ILE A 273 9.73 -10.14 16.65
CA ILE A 273 9.51 -8.70 16.83
C ILE A 273 10.17 -8.26 18.12
N SER A 274 9.78 -8.87 19.24
CA SER A 274 10.19 -8.38 20.55
C SER A 274 11.65 -8.65 20.83
N HIS A 275 12.25 -9.62 20.15
CA HIS A 275 13.65 -9.98 20.34
C HIS A 275 14.38 -9.91 19.02
N ARG A 276 14.03 -8.91 18.22
CA ARG A 276 14.54 -8.79 16.86
C ARG A 276 16.06 -8.86 16.82
N SER A 277 16.73 -8.26 17.82
CA SER A 277 18.18 -8.16 17.80
C SER A 277 18.85 -9.53 17.79
N THR A 278 18.27 -10.52 18.44
CA THR A 278 18.89 -11.83 18.48
C THR A 278 18.16 -12.90 17.66
N VAL A 279 16.96 -12.59 17.16
CA VAL A 279 16.13 -13.57 16.48
C VAL A 279 16.06 -13.30 14.98
N ALA A 280 15.96 -12.04 14.58
CA ALA A 280 15.79 -11.71 13.16
C ALA A 280 17.14 -11.72 12.46
N SER A 281 17.17 -12.32 11.28
CA SER A 281 18.40 -12.38 10.51
C SER A 281 18.84 -10.99 10.07
N CYS A 282 20.14 -10.75 10.08
N CYS A 282 20.15 -10.76 10.08
CA CYS A 282 20.72 -9.51 9.59
CA CYS A 282 20.73 -9.52 9.59
C CYS A 282 21.24 -9.64 8.17
C CYS A 282 21.26 -9.64 8.18
N MET A 283 21.01 -10.78 7.52
CA MET A 283 21.49 -10.97 6.16
C MET A 283 20.69 -10.14 5.17
N HIS A 284 21.40 -9.39 4.33
CA HIS A 284 20.78 -8.70 3.21
C HIS A 284 20.15 -9.72 2.25
N ARG A 285 18.97 -9.40 1.74
CA ARG A 285 18.20 -10.29 0.88
C ARG A 285 18.08 -9.61 -0.49
N GLN A 286 19.11 -9.79 -1.31
CA GLN A 286 19.16 -9.06 -2.58
C GLN A 286 17.98 -9.40 -3.47
N GLU A 287 17.56 -10.66 -3.46
CA GLU A 287 16.44 -11.04 -4.32
C GLU A 287 15.14 -10.40 -3.83
N THR A 288 15.00 -10.19 -2.52
CA THR A 288 13.80 -9.50 -2.02
C THR A 288 13.70 -8.09 -2.60
N VAL A 289 14.80 -7.35 -2.59
CA VAL A 289 14.77 -6.00 -3.14
C VAL A 289 14.52 -6.03 -4.63
N ASP A 290 15.13 -7.00 -5.34
CA ASP A 290 14.89 -7.10 -6.77
C ASP A 290 13.43 -7.34 -7.06
N CYS A 291 12.80 -8.25 -6.31
CA CYS A 291 11.38 -8.53 -6.55
C CYS A 291 10.53 -7.34 -6.18
N LEU A 292 10.85 -6.67 -5.07
CA LEU A 292 10.09 -5.48 -4.67
C LEU A 292 10.14 -4.43 -5.76
N LYS A 293 11.29 -4.26 -6.41
CA LYS A 293 11.40 -3.30 -7.50
C LYS A 293 10.40 -3.63 -8.62
N LYS A 294 10.22 -4.91 -8.91
CA LYS A 294 9.23 -5.30 -9.91
C LYS A 294 7.81 -5.18 -9.36
N PHE A 295 7.63 -5.50 -8.07
CA PHE A 295 6.35 -5.35 -7.42
C PHE A 295 5.84 -3.92 -7.52
N ASN A 296 6.71 -2.95 -7.21
CA ASN A 296 6.31 -1.54 -7.26
C ASN A 296 6.03 -1.09 -8.68
N ALA A 297 6.82 -1.58 -9.65
CA ALA A 297 6.58 -1.24 -11.04
C ALA A 297 5.26 -1.82 -11.54
N ARG A 298 4.93 -3.05 -11.11
CA ARG A 298 3.67 -3.67 -11.54
C ARG A 298 2.47 -2.90 -11.00
N ARG A 299 2.58 -2.39 -9.78
CA ARG A 299 1.50 -1.61 -9.17
C ARG A 299 1.31 -0.28 -9.86
N LYS A 300 2.41 0.43 -10.11
CA LYS A 300 2.32 1.73 -10.75
C LYS A 300 1.81 1.61 -12.18
N LEU A 301 2.29 0.61 -12.93
CA LEU A 301 1.82 0.41 -14.29
C LEU A 301 0.35 -0.02 -14.30
N LYS A 302 -0.02 -0.98 -13.47
CA LYS A 302 -1.41 -1.39 -13.42
C LYS A 302 -2.32 -0.23 -12.99
N GLY A 303 -1.77 0.75 -12.27
CA GLY A 303 -2.50 1.96 -11.91
C GLY A 303 -2.51 2.98 -13.03
N ALA A 304 -1.39 3.12 -13.74
CA ALA A 304 -1.36 4.04 -14.87
C ALA A 304 -2.12 3.51 -16.07
N ILE A 305 -2.26 2.18 -16.19
CA ILE A 305 -2.85 1.62 -17.41
C ILE A 305 -4.36 1.76 -17.41
N LEU A 306 -5.04 1.35 -16.33
CA LEU A 306 -6.50 1.41 -16.33
C LEU A 306 -6.99 2.85 -16.39
N ALA A 307 -6.21 3.79 -15.86
CA ALA A 307 -6.49 5.20 -16.07
C ALA A 307 -6.56 5.53 -17.56
N ALA A 308 -5.66 4.95 -18.35
CA ALA A 308 -5.66 5.20 -19.79
C ALA A 308 -6.78 4.44 -20.50
N MET A 309 -7.12 3.24 -20.05
CA MET A 309 -8.25 2.49 -20.62
C MET A 309 -9.57 3.12 -20.22
N THR B 6 2.88 10.34 -13.98
CA THR B 6 4.28 10.74 -14.10
C THR B 6 4.94 10.00 -15.26
N ALA B 7 5.19 10.73 -16.36
CA ALA B 7 5.73 10.09 -17.56
C ALA B 7 7.14 9.55 -17.37
N GLU B 8 7.89 10.06 -16.37
CA GLU B 8 9.21 9.52 -16.07
C GLU B 8 9.14 8.24 -15.27
N GLN B 9 8.03 7.99 -14.58
CA GLN B 9 7.86 6.77 -13.80
C GLN B 9 7.17 5.65 -14.58
N VAL B 10 6.49 5.97 -15.68
CA VAL B 10 5.76 4.93 -16.43
C VAL B 10 6.71 4.16 -17.34
N ILE B 11 7.47 4.86 -18.17
CA ILE B 11 8.52 4.23 -18.97
C ILE B 11 9.53 3.53 -18.07
N ALA B 12 9.86 4.16 -16.94
CA ALA B 12 10.78 3.54 -16.00
C ALA B 12 10.19 2.25 -15.43
N SER B 13 8.87 2.22 -15.22
CA SER B 13 8.26 0.99 -14.72
C SER B 13 8.24 -0.11 -15.80
N PHE B 14 7.87 0.25 -17.03
CA PHE B 14 7.99 -0.72 -18.14
C PHE B 14 9.41 -1.23 -18.27
N ARG B 15 10.39 -0.34 -18.14
CA ARG B 15 11.79 -0.76 -18.25
C ARG B 15 12.16 -1.73 -17.16
N ILE B 16 11.62 -1.54 -15.95
CA ILE B 16 11.87 -2.46 -14.85
C ILE B 16 11.32 -3.83 -15.18
N LEU B 17 10.08 -3.88 -15.69
CA LEU B 17 9.51 -5.16 -16.08
C LEU B 17 10.22 -5.74 -17.29
N ALA B 18 10.89 -4.90 -18.09
CA ALA B 18 11.68 -5.32 -19.22
C ALA B 18 13.10 -5.72 -18.83
N SER B 19 13.37 -5.82 -17.53
CA SER B 19 14.69 -6.17 -17.01
C SER B 19 15.76 -5.23 -17.55
N ASP B 20 15.43 -3.94 -17.59
CA ASP B 20 16.30 -2.83 -17.99
C ASP B 20 16.54 -2.76 -19.49
N LYS B 21 15.82 -3.53 -20.29
CA LYS B 21 15.99 -3.43 -21.72
C LYS B 21 15.27 -2.19 -22.27
N PRO B 22 15.79 -1.61 -23.35
CA PRO B 22 15.10 -0.47 -23.99
C PRO B 22 13.79 -0.84 -24.66
N TYR B 23 13.46 -2.13 -24.72
CA TYR B 23 12.22 -2.61 -25.29
C TYR B 23 11.67 -3.69 -24.36
N ILE B 24 10.41 -4.06 -24.59
CA ILE B 24 9.79 -5.13 -23.83
C ILE B 24 9.21 -6.14 -24.80
N LEU B 25 9.21 -7.40 -24.39
CA LEU B 25 8.67 -8.48 -25.22
C LEU B 25 7.23 -8.78 -24.84
N ALA B 26 6.51 -9.37 -25.79
CA ALA B 26 5.11 -9.73 -25.56
C ALA B 26 4.98 -10.71 -24.41
N GLU B 27 5.88 -11.69 -24.33
CA GLU B 27 5.79 -12.69 -23.27
C GLU B 27 6.15 -12.11 -21.91
N GLU B 28 6.89 -11.00 -21.88
CA GLU B 28 7.18 -10.35 -20.62
C GLU B 28 5.95 -9.63 -20.10
N LEU B 29 5.25 -8.90 -20.98
CA LEU B 29 3.96 -8.33 -20.62
C LEU B 29 2.98 -9.44 -20.22
N ARG B 30 3.01 -10.57 -20.92
CA ARG B 30 2.12 -11.68 -20.57
C ARG B 30 2.45 -12.23 -19.20
N ARG B 31 3.73 -12.30 -18.85
CA ARG B 31 4.10 -12.86 -17.56
C ARG B 31 3.84 -11.89 -16.40
N GLU B 32 4.07 -10.59 -16.62
CA GLU B 32 4.10 -9.62 -15.53
C GLU B 32 2.78 -8.91 -15.30
N LEU B 33 1.88 -8.92 -16.26
CA LEU B 33 0.58 -8.28 -16.17
C LEU B 33 -0.52 -9.31 -16.40
N PRO B 34 -1.75 -9.04 -15.95
CA PRO B 34 -2.85 -9.96 -16.25
C PRO B 34 -3.03 -10.11 -17.74
N PRO B 35 -3.69 -11.19 -18.20
CA PRO B 35 -3.90 -11.35 -19.65
C PRO B 35 -4.62 -10.18 -20.31
N ASP B 36 -5.28 -9.32 -19.54
CA ASP B 36 -6.01 -8.19 -20.11
C ASP B 36 -5.05 -7.12 -20.62
N GLN B 37 -4.43 -6.37 -19.69
CA GLN B 37 -3.53 -5.28 -20.07
C GLN B 37 -2.26 -5.77 -20.74
N ALA B 38 -2.01 -7.09 -20.75
CA ALA B 38 -0.90 -7.63 -21.50
C ALA B 38 -1.21 -7.68 -23.00
N GLN B 39 -2.36 -8.25 -23.37
CA GLN B 39 -2.76 -8.22 -24.78
C GLN B 39 -3.29 -6.86 -25.19
N TYR B 40 -3.75 -6.05 -24.24
CA TYR B 40 -3.96 -4.63 -24.50
C TYR B 40 -2.68 -3.99 -25.03
N CYS B 41 -1.59 -4.12 -24.27
CA CYS B 41 -0.34 -3.45 -24.62
C CYS B 41 0.24 -3.98 -25.93
N ILE B 42 0.20 -5.30 -26.13
CA ILE B 42 0.78 -5.90 -27.34
C ILE B 42 0.10 -5.36 -28.59
N LYS B 43 -1.18 -5.00 -28.50
CA LYS B 43 -1.92 -4.47 -29.62
C LYS B 43 -2.17 -2.98 -29.45
N ARG B 44 -1.10 -2.24 -29.13
CA ARG B 44 -1.09 -0.77 -29.08
C ARG B 44 0.35 -0.32 -28.93
N MET B 45 1.26 -1.28 -28.74
CA MET B 45 2.69 -1.03 -28.73
C MET B 45 3.22 -1.25 -30.13
N PRO B 46 3.85 -0.25 -30.76
CA PRO B 46 4.25 -0.40 -32.16
C PRO B 46 5.31 -1.46 -32.38
N ALA B 47 6.55 -1.02 -32.59
CA ALA B 47 7.64 -1.93 -32.86
C ALA B 47 8.94 -1.20 -32.59
N TYR B 48 9.79 -1.79 -31.77
CA TYR B 48 11.06 -1.19 -31.40
C TYR B 48 12.09 -1.50 -32.48
N SER B 49 12.59 -0.45 -33.14
CA SER B 49 13.63 -0.57 -34.15
C SER B 49 14.89 0.21 -33.76
N GLY B 50 14.94 0.74 -32.54
CA GLY B 50 16.10 1.45 -32.06
C GLY B 50 17.25 0.51 -31.74
N PRO B 51 18.22 0.99 -30.98
CA PRO B 51 19.42 0.17 -30.70
C PRO B 51 19.07 -1.11 -29.94
N GLY B 52 19.68 -2.21 -30.38
CA GLY B 52 19.51 -3.49 -29.72
C GLY B 52 18.23 -4.21 -30.03
N SER B 53 17.48 -3.77 -31.03
N SER B 53 17.49 -3.78 -31.04
CA SER B 53 16.19 -4.38 -31.34
CA SER B 53 16.20 -4.38 -31.35
C SER B 53 16.37 -5.84 -31.74
C SER B 53 16.36 -5.84 -31.75
N VAL B 54 15.33 -6.63 -31.48
CA VAL B 54 15.28 -8.04 -31.88
C VAL B 54 13.89 -8.34 -32.40
N PRO B 55 13.71 -9.46 -33.09
CA PRO B 55 12.35 -9.86 -33.50
C PRO B 55 11.43 -9.95 -32.30
N GLY B 56 10.30 -9.23 -32.38
CA GLY B 56 9.32 -9.19 -31.32
C GLY B 56 9.44 -8.01 -30.38
N ALA B 57 10.53 -7.25 -30.45
CA ALA B 57 10.74 -6.14 -29.52
C ALA B 57 9.66 -5.10 -29.69
N LEU B 58 9.08 -4.67 -28.59
CA LEU B 58 7.99 -3.70 -28.59
C LEU B 58 8.46 -2.39 -27.97
N ASP B 59 7.84 -1.29 -28.41
CA ASP B 59 8.30 0.05 -28.06
C ASP B 59 7.40 0.63 -26.97
N TYR B 60 7.62 0.17 -25.74
CA TYR B 60 6.81 0.66 -24.62
C TYR B 60 6.98 2.15 -24.39
N ALA B 61 8.11 2.74 -24.81
CA ALA B 61 8.27 4.18 -24.68
C ALA B 61 7.37 4.92 -25.67
N ALA B 62 7.24 4.40 -26.89
CA ALA B 62 6.33 5.00 -27.85
C ALA B 62 4.87 4.80 -27.42
N PHE B 63 4.55 3.62 -26.87
CA PHE B 63 3.22 3.41 -26.31
C PHE B 63 2.93 4.38 -25.18
N SER B 64 3.96 4.75 -24.40
CA SER B 64 3.77 5.58 -23.23
C SER B 64 3.60 7.05 -23.59
N SER B 65 4.64 7.66 -24.16
CA SER B 65 4.63 9.10 -24.43
C SER B 65 3.49 9.53 -25.33
N ALA B 66 2.87 8.59 -26.05
CA ALA B 66 1.62 8.90 -26.73
C ALA B 66 0.55 9.35 -25.75
N LEU B 67 0.65 8.94 -24.49
CA LEU B 67 -0.35 9.24 -23.47
C LEU B 67 0.11 10.34 -22.52
N TYR B 68 1.17 10.08 -21.76
CA TYR B 68 1.67 11.02 -20.77
C TYR B 68 2.79 11.88 -21.35
#